data_6JQY
#
_entry.id   6JQY
#
_cell.length_a   38.043
_cell.length_b   50.548
_cell.length_c   42.623
_cell.angle_alpha   90.00
_cell.angle_beta   116.13
_cell.angle_gamma   90.00
#
_symmetry.space_group_name_H-M   'P 1 21 1'
#
loop_
_entity.id
_entity.type
_entity.pdbx_description
1 polymer 'Antitoxin VapB46'
2 non-polymer 'ACETATE ION'
3 water water
#
_entity_poly.entity_id   1
_entity_poly.type   'polypeptide(L)'
_entity_poly.pdbx_seq_one_letter_code
;TMTSVGVRALRQQASELLRRVEAGETIEITDRGRPVALLSPLPQ
;
_entity_poly.pdbx_strand_id   A,B,C,D
#
loop_
_chem_comp.id
_chem_comp.type
_chem_comp.name
_chem_comp.formula
ACT non-polymer 'ACETATE ION' 'C2 H3 O2 -1'
#
# COMPACT_ATOMS: atom_id res chain seq x y z
N THR A 1 11.22 -12.60 -2.83
CA THR A 1 9.86 -13.00 -3.21
C THR A 1 8.84 -12.15 -2.45
N MET A 2 8.52 -12.58 -1.23
CA MET A 2 7.57 -11.92 -0.33
CA MET A 2 7.83 -11.79 -0.22
C MET A 2 7.60 -12.69 1.00
N THR A 3 7.18 -12.04 2.07
CA THR A 3 6.68 -12.74 3.23
C THR A 3 5.17 -12.70 3.12
N SER A 4 4.55 -13.84 3.36
CA SER A 4 3.12 -13.96 3.38
C SER A 4 2.76 -14.53 4.73
N VAL A 5 1.88 -13.85 5.44
CA VAL A 5 1.36 -14.33 6.71
C VAL A 5 -0.15 -14.27 6.63
N GLY A 6 -0.80 -15.20 7.34
CA GLY A 6 -2.25 -15.19 7.46
C GLY A 6 -2.71 -14.29 8.60
N VAL A 7 -4.04 -14.16 8.71
CA VAL A 7 -4.60 -13.32 9.76
C VAL A 7 -4.26 -13.86 11.14
N ARG A 8 -4.26 -15.19 11.31
CA ARG A 8 -3.92 -15.77 12.60
C ARG A 8 -2.52 -15.36 13.01
N ALA A 9 -1.56 -15.49 12.08
CA ALA A 9 -0.18 -15.13 12.37
C ALA A 9 -0.03 -13.64 12.59
N LEU A 10 -0.75 -12.83 11.80
CA LEU A 10 -0.69 -11.39 11.98
C LEU A 10 -1.07 -11.02 13.40
N ARG A 11 -2.15 -11.63 13.91
CA ARG A 11 -2.58 -11.38 15.28
C ARG A 11 -1.54 -11.86 16.28
N GLN A 12 -1.06 -13.10 16.11
CA GLN A 12 -0.22 -13.72 17.14
C GLN A 12 1.17 -13.10 17.22
N GLN A 13 1.69 -12.65 16.08
CA GLN A 13 3.06 -12.18 15.93
C GLN A 13 3.10 -10.71 15.54
N ALA A 14 2.07 -9.95 15.92
CA ALA A 14 1.89 -8.60 15.42
C ALA A 14 3.13 -7.73 15.65
N SER A 15 3.70 -7.78 16.85
CA SER A 15 4.82 -6.90 17.15
C SER A 15 6.01 -7.19 16.25
N GLU A 16 6.30 -8.48 16.01
CA GLU A 16 7.42 -8.83 15.15
C GLU A 16 7.16 -8.42 13.71
N LEU A 17 5.92 -8.56 13.25
CA LEU A 17 5.58 -8.18 11.88
C LEU A 17 5.69 -6.67 11.68
N LEU A 18 5.22 -5.88 12.63
CA LEU A 18 5.32 -4.42 12.51
C LEU A 18 6.76 -3.94 12.62
N ARG A 19 7.59 -4.59 13.44
CA ARG A 19 9.01 -4.28 13.43
C ARG A 19 9.58 -4.39 12.03
N ARG A 20 9.20 -5.43 11.30
CA ARG A 20 9.74 -5.62 9.96
C ARG A 20 9.21 -4.57 8.99
N VAL A 21 7.92 -4.25 9.09
CA VAL A 21 7.35 -3.24 8.22
C VAL A 21 7.98 -1.88 8.49
N GLU A 22 8.17 -1.53 9.77
CA GLU A 22 8.82 -0.27 10.07
C GLU A 22 10.29 -0.24 9.63
N ALA A 23 10.94 -1.40 9.47
CA ALA A 23 12.27 -1.41 8.89
C ALA A 23 12.24 -1.34 7.37
N GLY A 24 11.05 -1.24 6.79
CA GLY A 24 10.91 -1.05 5.35
C GLY A 24 10.27 -2.19 4.59
N GLU A 25 9.95 -3.30 5.23
CA GLU A 25 9.44 -4.44 4.47
C GLU A 25 7.96 -4.29 4.17
N THR A 26 7.57 -4.80 3.01
CA THR A 26 6.17 -5.00 2.65
C THR A 26 5.84 -6.48 2.78
N ILE A 27 4.65 -6.77 3.32
CA ILE A 27 4.23 -8.13 3.66
C ILE A 27 2.87 -8.39 3.06
N GLU A 28 2.70 -9.55 2.43
CA GLU A 28 1.41 -10.00 1.92
C GLU A 28 0.61 -10.64 3.05
N ILE A 29 -0.70 -10.32 3.10
CA ILE A 29 -1.62 -10.91 4.08
C ILE A 29 -2.56 -11.86 3.36
N THR A 30 -2.68 -13.07 3.88
CA THR A 30 -3.66 -14.03 3.40
C THR A 30 -4.77 -14.22 4.42
N ASP A 31 -5.93 -14.66 3.92
CA ASP A 31 -7.13 -14.96 4.71
C ASP A 31 -7.53 -16.38 4.35
N ARG A 32 -7.35 -17.30 5.29
CA ARG A 32 -7.56 -18.73 5.03
C ARG A 32 -6.85 -19.15 3.74
N GLY A 33 -5.60 -18.70 3.60
CA GLY A 33 -4.73 -19.10 2.51
C GLY A 33 -4.80 -18.26 1.25
N ARG A 34 -5.84 -17.42 1.07
CA ARG A 34 -5.90 -16.64 -0.18
C ARG A 34 -5.31 -15.25 0.02
N PRO A 35 -4.45 -14.77 -0.89
CA PRO A 35 -3.91 -13.41 -0.76
C PRO A 35 -5.03 -12.37 -0.84
N VAL A 36 -5.08 -11.48 0.15
CA VAL A 36 -6.17 -10.53 0.21
C VAL A 36 -5.68 -9.10 0.40
N ALA A 37 -4.50 -8.91 1.01
CA ALA A 37 -4.11 -7.56 1.38
C ALA A 37 -2.61 -7.42 1.36
N LEU A 38 -2.17 -6.16 1.32
CA LEU A 38 -0.77 -5.80 1.38
C LEU A 38 -0.60 -4.95 2.63
N LEU A 39 0.41 -5.29 3.46
CA LEU A 39 0.79 -4.44 4.60
C LEU A 39 2.10 -3.78 4.22
N SER A 40 2.05 -2.46 3.99
CA SER A 40 3.27 -1.83 3.52
C SER A 40 3.59 -0.59 4.37
N PRO A 41 4.87 -0.25 4.45
CA PRO A 41 5.26 0.86 5.34
C PRO A 41 4.93 2.23 4.80
N LEU A 42 4.63 3.11 5.73
CA LEU A 42 4.56 4.49 5.29
C LEU A 42 5.97 5.10 5.42
N PRO A 43 6.46 5.88 4.46
CA PRO A 43 7.80 6.47 4.63
C PRO A 43 7.80 7.50 5.74
N GLN A 44 8.86 7.50 6.53
CA GLN A 44 8.97 8.40 7.67
C GLN A 44 10.10 9.40 7.47
N MET B 2 -13.41 3.58 12.24
CA MET B 2 -11.98 3.68 12.47
C MET B 2 -11.18 3.49 11.18
N THR B 3 -10.79 4.61 10.57
CA THR B 3 -9.95 4.55 9.37
C THR B 3 -8.47 4.46 9.71
N SER B 4 -8.12 4.78 10.96
CA SER B 4 -6.78 4.63 11.50
C SER B 4 -6.89 3.83 12.78
N VAL B 5 -6.11 2.75 12.90
CA VAL B 5 -6.12 1.94 14.11
C VAL B 5 -4.70 1.78 14.63
N GLY B 6 -4.58 1.65 15.94
CA GLY B 6 -3.31 1.37 16.58
C GLY B 6 -3.00 -0.11 16.61
N VAL B 7 -1.81 -0.42 17.16
CA VAL B 7 -1.35 -1.80 17.24
C VAL B 7 -2.29 -2.66 18.09
N ARG B 8 -2.78 -2.12 19.20
CA ARG B 8 -3.68 -2.87 20.07
C ARG B 8 -4.95 -3.26 19.30
N ALA B 9 -5.56 -2.29 18.62
CA ALA B 9 -6.78 -2.56 17.87
C ALA B 9 -6.53 -3.56 16.75
N LEU B 10 -5.34 -3.54 16.15
CA LEU B 10 -5.02 -4.48 15.10
C LEU B 10 -5.16 -5.93 15.58
N ARG B 11 -4.57 -6.26 16.72
CA ARG B 11 -4.67 -7.61 17.25
C ARG B 11 -6.12 -7.94 17.62
N GLN B 12 -6.78 -7.05 18.35
CA GLN B 12 -8.13 -7.31 18.84
C GLN B 12 -9.14 -7.38 17.72
N GLN B 13 -8.86 -6.71 16.59
CA GLN B 13 -9.83 -6.58 15.50
C GLN B 13 -9.34 -7.12 14.17
N ALA B 14 -8.29 -7.96 14.15
CA ALA B 14 -7.62 -8.30 12.89
C ALA B 14 -8.58 -8.86 11.85
N SER B 15 -9.46 -9.78 12.26
CA SER B 15 -10.35 -10.41 11.30
C SER B 15 -11.27 -9.37 10.66
N GLU B 16 -11.80 -8.47 11.47
CA GLU B 16 -12.74 -7.48 10.97
C GLU B 16 -12.03 -6.44 10.13
N LEU B 17 -10.79 -6.09 10.50
CA LEU B 17 -10.02 -5.15 9.69
C LEU B 17 -9.74 -5.72 8.33
N LEU B 18 -9.37 -7.01 8.25
CA LEU B 18 -9.14 -7.62 6.95
C LEU B 18 -10.43 -7.74 6.14
N ARG B 19 -11.57 -8.02 6.79
CA ARG B 19 -12.85 -7.98 6.08
C ARG B 19 -13.07 -6.63 5.43
N ARG B 20 -12.75 -5.54 6.14
CA ARG B 20 -12.97 -4.22 5.57
C ARG B 20 -12.06 -3.97 4.38
N VAL B 21 -10.80 -4.40 4.47
CA VAL B 21 -9.88 -4.24 3.36
C VAL B 21 -10.34 -5.07 2.17
N GLU B 22 -10.80 -6.29 2.47
CA GLU B 22 -11.34 -7.14 1.43
C GLU B 22 -12.54 -6.50 0.74
N ALA B 23 -13.28 -5.62 1.45
CA ALA B 23 -14.39 -4.87 0.85
C ALA B 23 -13.93 -3.59 0.17
N GLY B 24 -12.64 -3.31 0.18
CA GLY B 24 -12.05 -2.21 -0.59
C GLY B 24 -11.45 -1.09 0.23
N GLU B 25 -11.59 -1.12 1.55
CA GLU B 25 -11.06 -0.03 2.35
C GLU B 25 -9.55 -0.18 2.46
N THR B 26 -8.86 0.94 2.61
CA THR B 26 -7.49 0.93 3.11
C THR B 26 -7.53 1.42 4.56
N ILE B 27 -6.67 0.87 5.40
CA ILE B 27 -6.68 1.21 6.82
C ILE B 27 -5.26 1.56 7.20
N GLU B 28 -5.09 2.71 7.87
CA GLU B 28 -3.80 3.13 8.36
C GLU B 28 -3.54 2.53 9.73
N ILE B 29 -2.33 2.05 9.95
CA ILE B 29 -1.91 1.51 11.23
C ILE B 29 -1.01 2.55 11.87
N THR B 30 -1.31 2.90 13.11
CA THR B 30 -0.48 3.83 13.87
C THR B 30 0.26 3.08 14.97
N ASP B 31 1.43 3.61 15.31
CA ASP B 31 2.28 3.08 16.36
C ASP B 31 2.63 4.25 17.27
N ARG B 32 2.07 4.22 18.49
CA ARG B 32 2.17 5.34 19.44
C ARG B 32 1.73 6.64 18.78
N GLY B 33 0.61 6.58 18.06
CA GLY B 33 0.01 7.75 17.47
C GLY B 33 0.58 8.12 16.12
N ARG B 34 1.71 7.56 15.75
CA ARG B 34 2.29 7.93 14.48
C ARG B 34 1.88 6.92 13.41
N PRO B 35 1.38 7.38 12.27
CA PRO B 35 1.05 6.44 11.19
C PRO B 35 2.32 5.76 10.68
N VAL B 36 2.30 4.42 10.63
CA VAL B 36 3.49 3.67 10.25
C VAL B 36 3.25 2.70 9.10
N ALA B 37 2.02 2.28 8.83
CA ALA B 37 1.79 1.26 7.82
C ALA B 37 0.39 1.44 7.26
N LEU B 38 0.17 0.81 6.13
CA LEU B 38 -1.10 0.80 5.42
C LEU B 38 -1.49 -0.62 5.08
N LEU B 39 -2.76 -0.97 5.31
CA LEU B 39 -3.35 -2.21 4.82
C LEU B 39 -4.19 -1.87 3.60
N SER B 40 -3.84 -2.44 2.45
CA SER B 40 -4.50 -2.13 1.18
C SER B 40 -4.97 -3.42 0.53
N PRO B 41 -6.03 -3.39 -0.26
CA PRO B 41 -6.49 -4.61 -0.92
C PRO B 41 -5.59 -4.98 -2.09
N LEU B 42 -5.43 -6.30 -2.30
CA LEU B 42 -4.70 -6.84 -3.44
C LEU B 42 -5.61 -7.05 -4.64
N PRO B 43 -5.06 -6.93 -5.86
CA PRO B 43 -5.90 -7.10 -7.05
C PRO B 43 -6.50 -8.50 -7.18
N GLN B 44 -5.80 -9.54 -6.73
CA GLN B 44 -6.36 -10.89 -6.61
C GLN B 44 -7.13 -11.34 -7.85
N THR C 1 9.98 15.28 -1.01
CA THR C 1 11.34 15.64 -1.38
C THR C 1 12.12 14.44 -1.90
N MET C 2 11.96 13.29 -1.22
CA MET C 2 12.65 12.07 -1.62
C MET C 2 11.72 10.86 -1.52
N THR C 3 11.25 10.55 -0.31
CA THR C 3 10.28 9.48 -0.11
C THR C 3 8.85 9.95 -0.31
N SER C 4 8.65 11.25 -0.51
CA SER C 4 7.35 11.83 -0.81
C SER C 4 7.48 12.67 -2.08
N VAL C 5 6.61 12.44 -3.05
CA VAL C 5 6.62 13.23 -4.28
C VAL C 5 5.22 13.76 -4.56
N GLY C 6 5.17 14.93 -5.19
CA GLY C 6 3.91 15.49 -5.63
C GLY C 6 3.46 14.92 -6.96
N VAL C 7 2.28 15.36 -7.39
CA VAL C 7 1.70 14.88 -8.64
C VAL C 7 2.57 15.24 -9.84
N ARG C 8 3.09 16.47 -9.88
CA ARG C 8 3.93 16.89 -11.00
C ARG C 8 5.14 15.99 -11.12
N ALA C 9 5.80 15.72 -9.99
CA ALA C 9 6.96 14.85 -10.00
C ALA C 9 6.58 13.45 -10.45
N LEU C 10 5.38 13.00 -10.08
CA LEU C 10 4.92 11.69 -10.53
C LEU C 10 4.98 11.59 -12.05
N ARG C 11 4.46 12.59 -12.76
CA ARG C 11 4.51 12.56 -14.21
C ARG C 11 5.94 12.61 -14.73
N GLN C 12 6.76 13.53 -14.20
CA GLN C 12 8.12 13.71 -14.70
C GLN C 12 9.04 12.54 -14.35
N GLN C 13 8.74 11.81 -13.26
CA GLN C 13 9.65 10.79 -12.75
C GLN C 13 9.04 9.40 -12.70
N ALA C 14 7.92 9.15 -13.38
CA ALA C 14 7.17 7.91 -13.13
C ALA C 14 8.04 6.67 -13.30
N SER C 15 8.86 6.62 -14.35
CA SER C 15 9.66 5.42 -14.58
C SER C 15 10.62 5.18 -13.42
N GLU C 16 11.27 6.26 -12.96
CA GLU C 16 12.23 6.15 -11.88
C GLU C 16 11.54 5.82 -10.56
N LEU C 17 10.35 6.38 -10.32
CA LEU C 17 9.64 6.06 -9.09
C LEU C 17 9.27 4.59 -9.06
N LEU C 18 8.81 4.05 -10.19
CA LEU C 18 8.46 2.62 -10.20
C LEU C 18 9.70 1.76 -10.06
N ARG C 19 10.84 2.15 -10.66
CA ARG C 19 12.08 1.43 -10.39
C ARG C 19 12.41 1.40 -8.90
N ARG C 20 12.23 2.51 -8.20
CA ARG C 20 12.55 2.51 -6.77
C ARG C 20 11.60 1.60 -5.99
N VAL C 21 10.31 1.60 -6.35
CA VAL C 21 9.36 0.71 -5.69
C VAL C 21 9.70 -0.74 -5.99
N GLU C 22 10.08 -1.02 -7.25
CA GLU C 22 10.52 -2.35 -7.63
C GLU C 22 11.75 -2.79 -6.84
N ALA C 23 12.57 -1.84 -6.36
CA ALA C 23 13.71 -2.15 -5.50
C ALA C 23 13.33 -2.23 -4.03
N GLY C 24 12.05 -2.05 -3.71
CA GLY C 24 11.53 -2.26 -2.37
C GLY C 24 11.06 -1.03 -1.66
N GLU C 25 11.22 0.16 -2.23
CA GLU C 25 10.81 1.35 -1.51
C GLU C 25 9.30 1.48 -1.59
N THR C 26 8.73 2.15 -0.61
CA THR C 26 7.38 2.72 -0.75
C THR C 26 7.51 4.24 -0.88
N ILE C 27 6.63 4.85 -1.68
CA ILE C 27 6.72 6.28 -1.95
C ILE C 27 5.36 6.89 -1.70
N GLU C 28 5.32 7.95 -0.90
CA GLU C 28 4.09 8.68 -0.68
C GLU C 28 3.87 9.71 -1.78
N ILE C 29 2.62 9.83 -2.21
CA ILE C 29 2.21 10.83 -3.19
C ILE C 29 1.45 11.91 -2.42
N THR C 30 1.87 13.15 -2.58
CA THR C 30 1.17 14.27 -1.99
C THR C 30 0.50 15.09 -3.08
N ASP C 31 -0.55 15.80 -2.69
CA ASP C 31 -1.29 16.68 -3.59
C ASP C 31 -1.22 18.04 -2.90
N ARG C 32 -0.35 18.92 -3.41
CA ARG C 32 -0.07 20.21 -2.78
C ARG C 32 0.25 20.04 -1.30
N GLY C 33 1.09 19.06 -1.00
CA GLY C 33 1.52 18.84 0.35
C GLY C 33 0.66 17.89 1.16
N ARG C 34 -0.55 17.57 0.69
CA ARG C 34 -1.34 16.64 1.51
C ARG C 34 -1.09 15.22 1.03
N PRO C 35 -0.72 14.31 1.93
CA PRO C 35 -0.51 12.92 1.52
C PRO C 35 -1.83 12.31 1.08
N VAL C 36 -1.84 11.75 -0.16
CA VAL C 36 -3.09 11.22 -0.68
C VAL C 36 -2.97 9.77 -1.13
N ALA C 37 -1.78 9.25 -1.45
CA ALA C 37 -1.67 7.89 -1.94
C ALA C 37 -0.29 7.33 -1.58
N LEU C 38 -0.19 6.02 -1.67
CA LEU C 38 1.05 5.27 -1.46
C LEU C 38 1.32 4.35 -2.63
N LEU C 39 2.58 4.32 -3.10
CA LEU C 39 3.05 3.34 -4.07
C LEU C 39 3.81 2.26 -3.31
N SER C 40 3.35 1.01 -3.40
CA SER C 40 3.98 -0.09 -2.66
C SER C 40 4.32 -1.23 -3.59
N PRO C 41 5.38 -2.00 -3.30
CA PRO C 41 5.70 -3.14 -4.16
C PRO C 41 4.72 -4.28 -3.97
N LEU C 42 4.44 -5.00 -5.07
CA LEU C 42 3.63 -6.21 -5.07
C LEU C 42 4.46 -7.48 -4.89
N PRO C 43 3.86 -8.48 -4.23
CA PRO C 43 4.54 -9.77 -4.06
C PRO C 43 4.78 -10.45 -5.39
N GLN C 44 5.96 -11.07 -5.52
CA GLN C 44 6.30 -11.90 -6.68
C GLN C 44 7.63 -12.61 -6.45
N THR D 1 -9.87 -7.70 -11.52
CA THR D 1 -11.06 -6.86 -11.47
C THR D 1 -10.68 -5.45 -10.97
N MET D 2 -9.55 -5.36 -10.28
CA MET D 2 -8.94 -4.07 -10.00
C MET D 2 -8.41 -3.45 -11.29
N THR D 3 -8.52 -2.12 -11.40
CA THR D 3 -7.90 -1.42 -12.51
C THR D 3 -6.40 -1.62 -12.49
N SER D 4 -5.85 -1.91 -13.66
CA SER D 4 -4.42 -2.08 -13.85
C SER D 4 -3.97 -1.15 -14.95
N VAL D 5 -2.97 -0.33 -14.67
CA VAL D 5 -2.43 0.56 -15.69
C VAL D 5 -0.92 0.37 -15.71
N GLY D 6 -0.34 0.58 -16.87
CA GLY D 6 1.10 0.61 -16.98
C GLY D 6 1.66 1.98 -16.65
N VAL D 7 2.99 2.06 -16.66
CA VAL D 7 3.67 3.32 -16.35
C VAL D 7 3.29 4.40 -17.37
N ARG D 8 3.19 4.02 -18.63
CA ARG D 8 2.85 5.02 -19.67
C ARG D 8 1.53 5.68 -19.35
N ALA D 9 0.52 4.86 -19.04
CA ALA D 9 -0.81 5.37 -18.72
C ALA D 9 -0.80 6.15 -17.42
N LEU D 10 -0.05 5.67 -16.42
CA LEU D 10 0.04 6.40 -15.16
C LEU D 10 0.52 7.82 -15.41
N ARG D 11 1.56 7.98 -16.23
CA ARG D 11 2.07 9.29 -16.55
C ARG D 11 1.04 10.10 -17.35
N GLN D 12 0.46 9.47 -18.37
CA GLN D 12 -0.41 10.23 -19.27
C GLN D 12 -1.71 10.65 -18.61
N GLN D 13 -2.22 9.83 -17.72
CA GLN D 13 -3.55 10.02 -17.13
C GLN D 13 -3.46 10.26 -15.63
N ALA D 14 -2.33 10.78 -15.15
CA ALA D 14 -2.09 10.83 -13.71
C ALA D 14 -3.23 11.54 -12.96
N SER D 15 -3.73 12.64 -13.51
CA SER D 15 -4.77 13.40 -12.81
C SER D 15 -6.03 12.58 -12.65
N GLU D 16 -6.45 11.88 -13.71
CA GLU D 16 -7.66 11.06 -13.61
C GLU D 16 -7.47 9.88 -12.69
N LEU D 17 -6.29 9.25 -12.73
CA LEU D 17 -6.03 8.09 -11.87
C LEU D 17 -5.95 8.50 -10.40
N LEU D 18 -5.29 9.61 -10.10
CA LEU D 18 -5.21 10.06 -8.71
C LEU D 18 -6.55 10.52 -8.17
N ARG D 19 -7.39 11.15 -9.02
CA ARG D 19 -8.77 11.42 -8.61
C ARG D 19 -9.44 10.14 -8.16
N ARG D 20 -9.24 9.05 -8.91
CA ARG D 20 -9.88 7.79 -8.55
C ARG D 20 -9.33 7.24 -7.24
N VAL D 21 -8.02 7.35 -7.04
CA VAL D 21 -7.43 6.87 -5.79
C VAL D 21 -7.91 7.73 -4.62
N GLU D 22 -7.97 9.05 -4.80
CA GLU D 22 -8.50 9.91 -3.74
C GLU D 22 -9.97 9.63 -3.43
N ALA D 23 -10.72 9.06 -4.37
CA ALA D 23 -12.08 8.65 -4.07
C ALA D 23 -12.14 7.30 -3.37
N GLY D 24 -10.99 6.68 -3.11
CA GLY D 24 -10.94 5.44 -2.35
C GLY D 24 -10.47 4.23 -3.11
N GLU D 25 -10.22 4.34 -4.41
CA GLU D 25 -9.87 3.18 -5.21
C GLU D 25 -8.40 2.82 -5.06
N THR D 26 -8.11 1.52 -5.11
CA THR D 26 -6.76 1.00 -5.25
C THR D 26 -6.55 0.49 -6.67
N ILE D 27 -5.38 0.80 -7.23
CA ILE D 27 -5.03 0.52 -8.61
C ILE D 27 -3.72 -0.24 -8.67
N GLU D 28 -3.67 -1.27 -9.52
CA GLU D 28 -2.44 -2.01 -9.81
C GLU D 28 -1.61 -1.33 -10.89
N ILE D 29 -0.30 -1.27 -10.68
CA ILE D 29 0.65 -0.71 -11.66
C ILE D 29 1.48 -1.84 -12.26
N THR D 30 1.55 -1.88 -13.59
CA THR D 30 2.39 -2.82 -14.32
C THR D 30 3.56 -2.10 -14.96
N ASP D 31 4.63 -2.85 -15.20
CA ASP D 31 5.81 -2.28 -15.86
C ASP D 31 6.10 -3.18 -17.04
N ARG D 32 5.78 -2.70 -18.24
CA ARG D 32 5.93 -3.42 -19.47
C ARG D 32 5.29 -4.80 -19.32
N GLY D 33 4.07 -4.78 -18.78
CA GLY D 33 3.18 -5.91 -18.64
C GLY D 33 3.22 -6.68 -17.33
N ARG D 34 4.24 -6.51 -16.52
CA ARG D 34 4.25 -7.31 -15.29
C ARG D 34 3.77 -6.50 -14.10
N PRO D 35 2.89 -7.05 -13.25
CA PRO D 35 2.47 -6.32 -12.05
C PRO D 35 3.65 -6.07 -11.12
N VAL D 36 3.84 -4.81 -10.73
CA VAL D 36 4.98 -4.45 -9.92
C VAL D 36 4.59 -3.66 -8.68
N ALA D 37 3.47 -2.96 -8.71
CA ALA D 37 3.19 -2.05 -7.59
C ALA D 37 1.70 -1.87 -7.39
N LEU D 38 1.37 -1.34 -6.22
CA LEU D 38 0.01 -1.00 -5.87
C LEU D 38 -0.01 0.49 -5.59
N LEU D 39 -0.99 1.21 -6.16
CA LEU D 39 -1.24 2.59 -5.78
C LEU D 39 -2.51 2.63 -4.94
N SER D 40 -2.37 2.92 -3.65
CA SER D 40 -3.56 2.84 -2.83
C SER D 40 -3.78 4.13 -2.05
N PRO D 41 -5.02 4.43 -1.68
CA PRO D 41 -5.29 5.70 -1.02
C PRO D 41 -4.82 5.78 0.42
N LEU D 42 -4.43 6.97 0.81
CA LEU D 42 -4.21 7.16 2.23
C LEU D 42 -5.50 7.67 2.88
N PRO D 43 -5.97 7.08 3.99
CA PRO D 43 -7.14 7.62 4.69
C PRO D 43 -6.82 8.94 5.36
C ACT E . 0.10 -19.07 12.87
O ACT E . 0.94 -19.41 12.00
OXT ACT E . 0.52 -18.35 13.79
CH3 ACT E . -1.33 -19.53 12.79
C ACT F . -0.94 4.30 -22.53
O ACT F . 0.26 4.62 -22.61
OXT ACT F . -1.19 3.10 -22.73
CH3 ACT F . -2.00 5.32 -22.19
#